data_3HIN
#
_entry.id   3HIN
#
_cell.length_a   124.111
_cell.length_b   124.111
_cell.length_c   124.111
_cell.angle_alpha   90.00
_cell.angle_beta   90.00
_cell.angle_gamma   90.00
#
_symmetry.space_group_name_H-M   'P 21 3'
#
loop_
_entity.id
_entity.type
_entity.pdbx_description
1 polymer 'Putative 3-hydroxybutyryl-CoA dehydratase'
2 water water
#
_entity_poly.entity_id   1
_entity_poly.type   'polypeptide(L)'
_entity_poly.pdbx_seq_one_letter_code
;MSLTGNAQAATIADPSTLVVDTVGPVLTIGLNRPKKRNALNDGLMAALKDCLTDIPDQIRAVVIHGIGDHFSAGLDLSEL
RERDATEGLVHSQTWHRVFDKIQYCRVPVIAALKGAVIGGGLELACAAHIRVAEASAYYALPEGSRGIFVGGGGSVRLPR
LIGVARMADMMLTGRVYSAAEGVVHGFSQYLIENGSAYDKALELGNRVAQNAPLTNFAVLQALPMIAEANPQTGLLMESL
MATVAQSDQEAKTRIRAFLDHKTAKVREGHHHHHH
;
_entity_poly.pdbx_strand_id   A,B
#
# COMPACT_ATOMS: atom_id res chain seq x y z
N ALA A 9 11.77 23.28 -3.61
CA ALA A 9 11.98 24.76 -3.54
C ALA A 9 11.60 25.32 -2.15
N ALA A 10 10.66 24.60 -1.47
CA ALA A 10 10.17 24.83 -0.07
C ALA A 10 9.42 26.15 0.24
N THR A 11 8.37 26.01 1.04
CA THR A 11 7.51 27.15 1.36
C THR A 11 8.05 27.85 2.60
N ILE A 12 7.94 29.19 2.60
CA ILE A 12 8.53 29.90 3.70
C ILE A 12 7.58 29.89 4.93
N ALA A 13 8.11 29.67 6.14
CA ALA A 13 7.26 29.68 7.33
C ALA A 13 6.60 31.05 7.46
N ASP A 14 5.34 31.07 7.93
CA ASP A 14 4.72 32.30 8.50
C ASP A 14 4.52 32.17 10.02
N PRO A 15 5.56 32.45 10.77
CA PRO A 15 5.50 32.29 12.21
C PRO A 15 4.41 33.16 12.89
N SER A 16 3.83 34.14 12.21
CA SER A 16 2.84 34.98 12.85
C SER A 16 1.56 34.18 12.97
N THR A 17 1.46 33.03 12.28
CA THR A 17 0.25 32.20 12.35
C THR A 17 0.30 31.26 13.56
N LEU A 18 1.27 31.40 14.44
CA LEU A 18 1.45 30.40 15.55
C LEU A 18 1.78 31.24 16.76
N VAL A 19 1.38 30.81 17.95
CA VAL A 19 1.86 31.42 19.15
C VAL A 19 2.53 30.36 20.00
N VAL A 20 3.84 30.50 20.13
CA VAL A 20 4.71 29.49 20.70
C VAL A 20 5.27 29.94 22.05
N ASP A 21 5.04 29.16 23.10
CA ASP A 21 5.65 29.49 24.39
C ASP A 21 6.27 28.22 24.94
N THR A 22 6.94 28.37 26.06
CA THR A 22 7.58 27.28 26.75
C THR A 22 7.09 27.44 28.16
N VAL A 23 6.28 26.50 28.65
CA VAL A 23 5.88 26.52 30.05
C VAL A 23 6.54 25.34 30.80
N GLY A 24 7.55 25.63 31.62
CA GLY A 24 8.36 24.57 32.22
C GLY A 24 8.93 23.75 31.07
N PRO A 25 8.75 22.43 31.08
CA PRO A 25 9.43 21.69 30.01
C PRO A 25 8.47 21.36 28.83
N VAL A 26 7.36 22.08 28.76
CA VAL A 26 6.36 21.93 27.72
C VAL A 26 6.39 23.07 26.71
N LEU A 27 6.69 22.71 25.47
CA LEU A 27 6.61 23.63 24.34
C LEU A 27 5.15 23.74 23.93
N THR A 28 4.57 24.92 24.09
CA THR A 28 3.20 25.04 23.68
C THR A 28 3.08 25.75 22.36
N ILE A 29 2.20 25.24 21.50
CA ILE A 29 2.09 25.70 20.13
C ILE A 29 0.65 26.04 19.77
N GLY A 30 0.33 27.32 19.73
CA GLY A 30 -1.07 27.69 19.54
C GLY A 30 -1.36 28.09 18.13
N LEU A 31 -2.30 27.42 17.49
CA LEU A 31 -2.70 27.75 16.13
C LEU A 31 -3.44 29.09 16.22
N ASN A 32 -2.98 30.04 15.40
CA ASN A 32 -3.31 31.40 15.60
C ASN A 32 -3.79 32.07 14.30
N ARG A 33 -4.83 31.55 13.68
CA ARG A 33 -5.50 32.24 12.57
C ARG A 33 -6.95 32.29 12.94
N PRO A 34 -7.25 32.93 14.07
CA PRO A 34 -8.61 32.83 14.62
C PRO A 34 -9.77 33.38 13.71
N LYS A 35 -9.48 34.36 12.85
CA LYS A 35 -10.49 34.94 11.98
C LYS A 35 -11.00 33.92 10.99
N LYS A 36 -10.16 32.95 10.70
CA LYS A 36 -10.59 31.81 9.91
C LYS A 36 -10.48 30.48 10.66
N ARG A 37 -10.77 30.50 11.95
CA ARG A 37 -10.91 29.27 12.74
C ARG A 37 -9.69 28.43 12.52
N ASN A 38 -8.53 29.07 12.46
CA ASN A 38 -7.27 28.35 12.45
C ASN A 38 -7.16 27.43 11.25
N ALA A 39 -7.82 27.85 10.17
CA ALA A 39 -7.63 27.23 8.91
C ALA A 39 -6.12 27.08 8.59
N LEU A 40 -5.73 25.85 8.25
CA LEU A 40 -4.34 25.53 7.91
C LEU A 40 -3.99 26.05 6.54
N ASN A 41 -2.77 26.57 6.35
CA ASN A 41 -2.26 26.98 5.04
C ASN A 41 -0.79 26.67 4.98
N ASP A 42 -0.15 26.91 3.84
CA ASP A 42 1.24 26.43 3.70
C ASP A 42 2.21 27.08 4.65
N GLY A 43 2.01 28.35 4.97
CA GLY A 43 2.98 29.00 5.82
C GLY A 43 2.77 28.61 7.28
N LEU A 44 1.54 28.27 7.63
CA LEU A 44 1.33 27.88 9.01
C LEU A 44 2.00 26.52 9.19
N MET A 45 1.73 25.64 8.23
CA MET A 45 2.31 24.31 8.19
C MET A 45 3.81 24.35 8.18
N ALA A 46 4.40 25.26 7.39
CA ALA A 46 5.87 25.40 7.39
C ALA A 46 6.41 25.90 8.73
N ALA A 47 5.72 26.89 9.32
CA ALA A 47 6.06 27.39 10.66
C ALA A 47 5.96 26.27 11.66
N LEU A 48 4.91 25.45 11.57
CA LEU A 48 4.74 24.26 12.41
C LEU A 48 5.89 23.26 12.31
N LYS A 49 6.25 22.86 11.12
CA LYS A 49 7.37 21.99 10.91
C LYS A 49 8.63 22.53 11.60
N ASP A 50 8.86 23.83 11.42
CA ASP A 50 9.97 24.53 12.07
C ASP A 50 9.96 24.36 13.57
N CYS A 51 8.81 24.60 14.21
CA CYS A 51 8.76 24.48 15.69
C CYS A 51 9.12 23.06 16.12
N LEU A 52 8.70 22.06 15.34
CA LEU A 52 9.07 20.68 15.64
C LEU A 52 10.43 20.21 15.04
N THR A 53 11.25 21.12 14.51
CA THR A 53 12.58 20.68 14.06
C THR A 53 13.61 21.09 15.12
N ASP A 54 14.48 20.15 15.54
CA ASP A 54 15.57 20.47 16.46
C ASP A 54 15.00 21.08 17.73
N ILE A 55 14.00 20.40 18.29
CA ILE A 55 13.30 20.85 19.48
C ILE A 55 14.33 20.82 20.60
N PRO A 56 14.56 21.97 21.25
CA PRO A 56 15.65 21.99 22.24
C PRO A 56 15.53 20.91 23.35
N ASP A 57 16.68 20.57 23.94
CA ASP A 57 16.76 19.49 24.95
C ASP A 57 15.88 19.65 26.19
N GLN A 58 15.70 20.88 26.64
CA GLN A 58 14.89 21.14 27.82
C GLN A 58 13.43 20.82 27.65
N ILE A 59 12.98 20.55 26.42
CA ILE A 59 11.56 20.33 26.17
C ILE A 59 11.31 18.82 26.30
N ARG A 60 10.28 18.48 27.09
CA ARG A 60 9.91 17.08 27.27
C ARG A 60 8.47 16.73 26.90
N ALA A 61 7.72 17.71 26.39
CA ALA A 61 6.40 17.54 25.82
C ALA A 61 6.03 18.75 24.99
N VAL A 62 5.08 18.50 24.08
CA VAL A 62 4.52 19.50 23.18
C VAL A 62 3.02 19.46 23.32
N VAL A 63 2.40 20.61 23.62
CA VAL A 63 0.94 20.76 23.53
C VAL A 63 0.61 21.63 22.33
N ILE A 64 -0.19 21.11 21.39
CA ILE A 64 -0.70 21.91 20.31
C ILE A 64 -2.16 22.28 20.57
N HIS A 65 -2.49 23.54 20.41
CA HIS A 65 -3.79 24.01 20.88
C HIS A 65 -4.27 25.14 20.00
N GLY A 66 -5.53 25.51 20.08
CA GLY A 66 -6.05 26.58 19.20
C GLY A 66 -6.32 27.88 19.96
N ILE A 67 -5.97 29.01 19.34
CA ILE A 67 -6.29 30.31 19.92
C ILE A 67 -7.70 30.53 19.39
N GLY A 68 -8.62 31.04 20.21
CA GLY A 68 -9.97 31.28 19.74
C GLY A 68 -10.93 30.20 20.20
N ASP A 69 -12.07 30.13 19.58
CA ASP A 69 -13.03 29.08 19.91
C ASP A 69 -12.72 27.74 19.23
N HIS A 70 -11.83 27.70 18.25
CA HIS A 70 -11.67 26.45 17.48
C HIS A 70 -10.26 25.89 17.47
N PHE A 71 -10.18 24.57 17.32
CA PHE A 71 -8.90 23.95 17.07
C PHE A 71 -8.43 24.29 15.64
N SER A 72 -9.08 23.71 14.64
CA SER A 72 -8.81 24.06 13.25
C SER A 72 -9.93 23.51 12.40
N ALA A 73 -10.39 24.36 11.49
CA ALA A 73 -11.41 24.01 10.53
C ALA A 73 -10.77 23.39 9.31
N GLY A 74 -9.47 23.08 9.38
CA GLY A 74 -8.80 22.49 8.27
C GLY A 74 -8.40 23.48 7.20
N LEU A 75 -8.39 23.01 5.94
CA LEU A 75 -7.76 23.70 4.83
C LEU A 75 -8.46 25.02 4.52
N ASP A 76 -7.66 26.09 4.45
CA ASP A 76 -8.11 27.45 4.11
C ASP A 76 -8.74 27.48 2.69
N LEU A 77 -10.05 27.63 2.73
CA LEU A 77 -10.84 27.54 1.52
C LEU A 77 -10.77 28.84 0.71
N SER A 78 -10.29 29.90 1.34
CA SER A 78 -9.99 31.15 0.63
C SER A 78 -8.61 31.16 -0.01
N GLU A 79 -7.83 30.13 0.20
CA GLU A 79 -6.46 30.17 -0.22
C GLU A 79 -6.15 28.98 -1.10
N LEU A 80 -7.17 28.39 -1.70
CA LEU A 80 -6.95 27.34 -2.69
C LEU A 80 -6.04 27.82 -3.80
N ARG A 81 -5.08 26.96 -4.10
CA ARG A 81 -4.19 27.18 -5.20
C ARG A 81 -4.45 26.04 -6.18
N GLU A 82 -4.60 26.41 -7.46
CA GLU A 82 -4.83 25.49 -8.58
C GLU A 82 -3.56 24.70 -8.85
N ARG A 83 -3.74 23.39 -9.01
CA ARG A 83 -2.67 22.40 -8.96
C ARG A 83 -2.97 21.23 -9.89
N ASP A 84 -2.01 20.89 -10.74
CA ASP A 84 -2.19 19.68 -11.57
C ASP A 84 -1.93 18.43 -10.71
N ALA A 85 -2.23 17.27 -11.27
CA ALA A 85 -2.02 15.99 -10.64
C ALA A 85 -0.63 15.90 -9.96
N THR A 86 0.42 16.27 -10.66
CA THR A 86 1.72 16.15 -10.10
C THR A 86 1.84 17.11 -8.95
N GLU A 87 1.39 18.34 -9.16
CA GLU A 87 1.52 19.33 -8.10
C GLU A 87 0.79 18.88 -6.84
N GLY A 88 -0.42 18.37 -6.99
CA GLY A 88 -1.15 17.94 -5.80
C GLY A 88 -0.51 16.74 -5.09
N LEU A 89 0.20 15.89 -5.84
CA LEU A 89 1.00 14.84 -5.21
C LEU A 89 2.11 15.51 -4.37
N VAL A 90 2.88 16.41 -4.99
CA VAL A 90 3.95 17.09 -4.30
C VAL A 90 3.39 17.82 -3.07
N HIS A 91 2.27 18.49 -3.20
CA HIS A 91 1.69 19.25 -2.10
C HIS A 91 1.20 18.35 -0.97
N SER A 92 0.50 17.28 -1.28
CA SER A 92 0.16 16.31 -0.24
C SER A 92 1.42 15.86 0.52
N GLN A 93 2.47 15.45 -0.21
CA GLN A 93 3.69 14.95 0.41
C GLN A 93 4.32 15.96 1.40
N THR A 94 4.39 17.20 0.94
CA THR A 94 4.73 18.33 1.78
C THR A 94 3.99 18.32 3.14
N TRP A 95 2.68 18.16 3.11
CA TRP A 95 1.96 18.16 4.37
C TRP A 95 2.31 16.91 5.16
N HIS A 96 2.52 15.78 4.48
CA HIS A 96 2.90 14.61 5.22
C HIS A 96 4.22 14.84 5.97
N ARG A 97 5.12 15.59 5.37
CA ARG A 97 6.40 15.74 6.04
C ARG A 97 6.26 16.57 7.31
N VAL A 98 5.32 17.51 7.31
CA VAL A 98 5.04 18.28 8.51
C VAL A 98 4.48 17.33 9.59
N PHE A 99 3.49 16.51 9.26
CA PHE A 99 2.88 15.64 10.29
C PHE A 99 3.82 14.55 10.77
N ASP A 100 4.80 14.15 9.95
CA ASP A 100 5.78 13.17 10.44
C ASP A 100 6.50 13.77 11.65
N LYS A 101 6.72 15.08 11.68
CA LYS A 101 7.44 15.66 12.84
C LYS A 101 6.56 15.63 14.09
N ILE A 102 5.26 15.48 13.94
CA ILE A 102 4.40 15.25 15.08
C ILE A 102 4.43 13.78 15.50
N GLN A 103 4.03 12.91 14.58
CA GLN A 103 4.00 11.47 14.84
C GLN A 103 5.32 10.95 15.42
N TYR A 104 6.43 11.34 14.79
CA TYR A 104 7.72 10.79 15.11
C TYR A 104 8.50 11.79 15.95
N CYS A 105 7.79 12.70 16.60
CA CYS A 105 8.45 13.65 17.50
C CYS A 105 9.22 12.90 18.61
N ARG A 106 10.33 13.43 19.05
CA ARG A 106 11.06 12.73 20.08
C ARG A 106 10.39 12.80 21.46
N VAL A 107 9.53 13.77 21.64
CA VAL A 107 8.70 13.80 22.85
C VAL A 107 7.22 13.67 22.55
N PRO A 108 6.42 13.33 23.59
CA PRO A 108 5.01 13.17 23.19
C PRO A 108 4.33 14.49 22.86
N VAL A 109 3.40 14.42 21.90
CA VAL A 109 2.61 15.56 21.48
C VAL A 109 1.16 15.37 21.90
N ILE A 110 0.62 16.38 22.59
CA ILE A 110 -0.74 16.36 23.06
C ILE A 110 -1.51 17.44 22.32
N ALA A 111 -2.67 17.11 21.76
CA ALA A 111 -3.50 18.12 21.10
C ALA A 111 -4.72 18.47 21.99
N ALA A 112 -4.92 19.74 22.27
CA ALA A 112 -6.02 20.20 23.06
C ALA A 112 -7.12 20.56 22.08
N LEU A 113 -8.22 19.80 22.07
CA LEU A 113 -9.26 20.01 21.06
C LEU A 113 -10.50 20.79 21.57
N LYS A 114 -10.96 21.77 20.81
CA LYS A 114 -12.23 22.45 21.14
C LYS A 114 -12.84 22.87 19.82
N GLY A 115 -14.14 23.19 19.79
CA GLY A 115 -14.80 23.75 18.61
C GLY A 115 -14.46 22.88 17.40
N ALA A 116 -14.24 23.51 16.27
CA ALA A 116 -14.04 22.77 15.03
C ALA A 116 -12.74 21.95 14.98
N VAL A 117 -12.85 20.66 14.66
CA VAL A 117 -11.67 19.78 14.44
C VAL A 117 -12.02 19.01 13.20
N ILE A 118 -11.89 19.68 12.07
CA ILE A 118 -12.46 19.09 10.90
C ILE A 118 -11.46 19.05 9.74
N GLY A 119 -11.58 18.03 8.86
CA GLY A 119 -10.74 17.99 7.65
C GLY A 119 -9.27 17.88 8.07
N GLY A 120 -8.41 18.71 7.47
CA GLY A 120 -7.00 18.82 7.85
C GLY A 120 -6.75 18.99 9.34
N GLY A 121 -7.66 19.72 10.00
CA GLY A 121 -7.59 19.90 11.47
C GLY A 121 -7.73 18.57 12.15
N LEU A 122 -8.61 17.70 11.62
CA LEU A 122 -8.71 16.35 12.25
C LEU A 122 -7.39 15.59 11.99
N GLU A 123 -6.83 15.73 10.78
CA GLU A 123 -5.63 15.00 10.37
C GLU A 123 -4.44 15.43 11.25
N LEU A 124 -4.36 16.73 11.52
CA LEU A 124 -3.40 17.29 12.45
C LEU A 124 -3.57 16.64 13.85
N ALA A 125 -4.80 16.66 14.34
CA ALA A 125 -5.11 16.04 15.59
C ALA A 125 -4.73 14.59 15.59
N CYS A 126 -4.94 13.91 14.47
CA CYS A 126 -4.60 12.47 14.40
C CYS A 126 -3.13 12.16 14.55
N ALA A 127 -2.28 13.11 14.10
CA ALA A 127 -0.86 12.89 14.14
C ALA A 127 -0.35 12.93 15.55
N ALA A 128 -1.09 13.67 16.44
CA ALA A 128 -0.71 13.79 17.85
C ALA A 128 -0.81 12.44 18.51
N HIS A 129 -0.11 12.26 19.62
CA HIS A 129 -0.14 11.01 20.35
C HIS A 129 -1.30 10.87 21.29
N ILE A 130 -1.66 11.97 21.93
CA ILE A 130 -2.83 12.04 22.85
C ILE A 130 -3.67 13.25 22.45
N ARG A 131 -4.98 13.12 22.53
CA ARG A 131 -5.87 14.22 22.25
C ARG A 131 -6.71 14.35 23.51
N VAL A 132 -6.98 15.60 23.91
CA VAL A 132 -7.90 15.92 24.98
C VAL A 132 -8.95 16.81 24.34
N ALA A 133 -10.21 16.40 24.49
CA ALA A 133 -11.33 17.10 23.90
C ALA A 133 -12.20 17.76 24.97
N GLU A 134 -12.34 19.10 24.88
CA GLU A 134 -13.41 19.89 25.53
C GLU A 134 -14.81 19.58 24.99
N ALA A 135 -15.88 19.91 25.73
CA ALA A 135 -17.22 19.57 25.25
C ALA A 135 -17.55 20.12 23.85
N SER A 136 -16.98 21.28 23.47
CA SER A 136 -17.37 21.97 22.23
C SER A 136 -16.71 21.34 20.98
N ALA A 137 -15.76 20.42 21.17
CA ALA A 137 -14.97 19.92 20.03
C ALA A 137 -15.93 19.11 19.19
N TYR A 138 -15.82 19.22 17.88
CA TYR A 138 -16.64 18.38 17.00
C TYR A 138 -15.84 18.01 15.77
N TYR A 139 -16.12 16.84 15.22
CA TYR A 139 -15.26 16.16 14.25
C TYR A 139 -16.02 15.90 12.96
N ALA A 140 -15.32 16.12 11.84
CA ALA A 140 -15.91 15.89 10.56
C ALA A 140 -14.87 15.85 9.48
N LEU A 141 -15.22 15.17 8.40
CA LEU A 141 -14.46 15.19 7.17
C LEU A 141 -15.35 15.66 6.03
N PRO A 142 -15.53 16.98 5.89
CA PRO A 142 -16.49 17.54 4.90
C PRO A 142 -16.00 17.50 3.47
N GLU A 143 -14.79 17.02 3.26
CA GLU A 143 -14.11 17.08 1.94
C GLU A 143 -14.84 16.36 0.82
N GLY A 144 -15.37 15.18 1.16
CA GLY A 144 -16.13 14.35 0.24
C GLY A 144 -17.27 15.09 -0.43
N SER A 145 -17.87 16.02 0.30
CA SER A 145 -18.85 16.93 -0.22
C SER A 145 -18.33 17.62 -1.47
N ARG A 146 -17.05 17.98 -1.42
CA ARG A 146 -16.41 18.78 -2.45
C ARG A 146 -15.80 17.94 -3.58
N GLY A 147 -16.12 16.64 -3.59
CA GLY A 147 -15.54 15.69 -4.53
C GLY A 147 -14.10 15.27 -4.19
N ILE A 148 -13.63 15.46 -2.95
CA ILE A 148 -12.22 15.18 -2.74
C ILE A 148 -11.89 14.29 -1.52
N PHE A 149 -10.81 13.52 -1.66
CA PHE A 149 -10.30 12.59 -0.62
C PHE A 149 -9.38 13.37 0.34
N VAL A 150 -8.96 12.78 1.45
CA VAL A 150 -8.02 13.41 2.42
C VAL A 150 -6.60 13.29 1.86
N GLY A 151 -5.72 14.26 2.13
CA GLY A 151 -4.35 14.25 1.66
C GLY A 151 -3.35 14.55 2.72
N GLY A 152 -3.80 14.45 3.99
CA GLY A 152 -3.00 14.85 5.12
C GLY A 152 -2.75 13.72 6.11
N GLY A 153 -2.82 12.49 5.62
CA GLY A 153 -2.50 11.36 6.51
C GLY A 153 -3.74 10.76 7.14
N GLY A 154 -4.90 11.41 6.98
CA GLY A 154 -6.12 10.94 7.67
C GLY A 154 -6.51 9.50 7.32
N SER A 155 -6.30 9.06 6.06
CA SER A 155 -6.79 7.70 5.75
C SER A 155 -5.89 6.68 6.41
N VAL A 156 -4.76 7.11 6.95
CA VAL A 156 -3.79 6.17 7.64
C VAL A 156 -3.98 6.27 9.14
N ARG A 157 -4.03 7.47 9.67
CA ARG A 157 -4.04 7.63 11.13
C ARG A 157 -5.42 7.44 11.69
N LEU A 158 -6.41 7.95 11.01
CA LEU A 158 -7.74 7.94 11.64
C LEU A 158 -8.35 6.50 11.76
N PRO A 159 -8.30 5.70 10.70
CA PRO A 159 -8.88 4.38 10.90
C PRO A 159 -8.21 3.68 12.06
N ARG A 160 -6.96 3.99 12.37
CA ARG A 160 -6.32 3.29 13.52
C ARG A 160 -6.97 3.74 14.83
N LEU A 161 -7.56 4.95 14.84
CA LEU A 161 -8.22 5.43 16.03
C LEU A 161 -9.68 4.97 16.12
N ILE A 162 -10.41 4.97 15.00
CA ILE A 162 -11.89 4.84 15.00
C ILE A 162 -12.40 3.76 14.06
N GLY A 163 -11.48 3.15 13.31
CA GLY A 163 -11.82 2.01 12.39
C GLY A 163 -12.30 2.54 11.02
N VAL A 164 -12.19 1.69 9.99
CA VAL A 164 -12.55 2.17 8.62
C VAL A 164 -14.06 2.47 8.49
N ALA A 165 -14.86 1.59 9.08
CA ALA A 165 -16.31 1.67 8.96
C ALA A 165 -16.82 3.04 9.34
N ARG A 166 -16.34 3.60 10.48
CA ARG A 166 -16.82 4.92 10.92
C ARG A 166 -16.27 6.05 10.06
N MET A 167 -15.04 5.87 9.59
CA MET A 167 -14.41 6.83 8.69
C MET A 167 -15.12 6.90 7.34
N ALA A 168 -15.40 5.72 6.78
CA ALA A 168 -16.04 5.64 5.51
C ALA A 168 -17.40 6.33 5.60
N ASP A 169 -18.14 6.06 6.66
CA ASP A 169 -19.44 6.72 6.84
C ASP A 169 -19.30 8.23 6.93
N MET A 170 -18.34 8.72 7.73
CA MET A 170 -18.09 10.21 7.87
C MET A 170 -17.84 10.86 6.48
N MET A 171 -17.00 10.21 5.66
CA MET A 171 -16.68 10.70 4.31
C MET A 171 -17.84 10.61 3.35
N LEU A 172 -18.60 9.51 3.39
CA LEU A 172 -19.67 9.42 2.41
C LEU A 172 -20.88 10.32 2.70
N THR A 173 -21.10 10.64 3.98
CA THR A 173 -22.34 11.30 4.41
C THR A 173 -22.16 12.65 5.07
N GLY A 174 -20.93 12.99 5.44
CA GLY A 174 -20.62 14.23 6.17
C GLY A 174 -20.99 14.14 7.63
N ARG A 175 -21.04 12.92 8.19
CA ARG A 175 -21.48 12.78 9.56
C ARG A 175 -20.55 13.55 10.50
N VAL A 176 -21.15 14.23 11.49
CA VAL A 176 -20.39 14.93 12.53
C VAL A 176 -20.53 14.19 13.88
N TYR A 177 -19.46 14.21 14.67
CA TYR A 177 -19.42 13.66 15.99
C TYR A 177 -19.10 14.78 17.02
N SER A 178 -19.81 14.81 18.13
CA SER A 178 -19.43 15.66 19.23
C SER A 178 -18.20 15.12 19.99
N ALA A 179 -17.70 15.94 20.91
CA ALA A 179 -16.62 15.51 21.79
C ALA A 179 -17.07 14.28 22.64
N ALA A 180 -18.29 14.32 23.19
CA ALA A 180 -18.84 13.16 23.95
C ALA A 180 -18.93 11.86 23.11
N GLU A 181 -19.61 11.91 21.98
CA GLU A 181 -19.52 10.79 21.06
C GLU A 181 -18.07 10.39 20.75
N GLY A 182 -17.20 11.36 20.56
CA GLY A 182 -15.88 11.04 20.02
C GLY A 182 -14.99 10.27 20.97
N VAL A 183 -15.09 10.60 22.27
CA VAL A 183 -14.23 9.90 23.26
C VAL A 183 -14.60 8.43 23.25
N VAL A 184 -15.86 8.14 22.91
CA VAL A 184 -16.31 6.76 22.89
C VAL A 184 -15.84 6.05 21.60
N HIS A 185 -15.85 6.76 20.46
CA HIS A 185 -15.50 6.09 19.18
C HIS A 185 -14.02 6.06 18.93
N GLY A 186 -13.25 6.84 19.71
CA GLY A 186 -11.80 6.75 19.62
C GLY A 186 -11.10 8.03 19.18
N PHE A 187 -11.84 9.13 19.04
CA PHE A 187 -11.25 10.35 18.56
C PHE A 187 -10.28 10.93 19.56
N SER A 188 -10.59 10.78 20.86
CA SER A 188 -9.72 11.31 21.89
C SER A 188 -9.60 10.34 23.03
N GLN A 189 -8.49 10.36 23.72
CA GLN A 189 -8.39 9.53 24.88
C GLN A 189 -8.99 10.22 26.06
N TYR A 190 -9.12 11.52 25.99
CA TYR A 190 -9.72 12.22 27.13
C TYR A 190 -10.90 13.11 26.72
N LEU A 191 -11.91 13.24 27.59
CA LEU A 191 -12.86 14.30 27.45
C LEU A 191 -12.85 15.15 28.71
N ILE A 192 -12.76 16.46 28.52
CA ILE A 192 -12.96 17.41 29.61
C ILE A 192 -14.32 18.06 29.42
N GLU A 193 -15.26 17.68 30.28
CA GLU A 193 -16.64 18.20 30.16
C GLU A 193 -16.78 19.65 30.65
N ASN A 194 -16.01 19.98 31.70
CA ASN A 194 -15.97 21.33 32.22
C ASN A 194 -14.57 21.89 32.39
N GLY A 195 -14.37 23.12 31.93
CA GLY A 195 -13.06 23.70 31.85
C GLY A 195 -12.36 23.21 30.60
N SER A 196 -11.05 23.31 30.63
CA SER A 196 -10.37 23.60 29.42
C SER A 196 -9.39 22.47 28.97
N ALA A 197 -9.50 22.12 27.68
CA ALA A 197 -8.67 21.11 27.15
C ALA A 197 -7.19 21.55 27.28
N TYR A 198 -6.93 22.84 27.12
CA TYR A 198 -5.57 23.37 27.25
C TYR A 198 -4.98 23.05 28.63
N ASP A 199 -5.75 23.37 29.65
CA ASP A 199 -5.37 23.14 31.03
C ASP A 199 -5.08 21.65 31.21
N LYS A 200 -6.01 20.80 30.78
CA LYS A 200 -5.78 19.35 30.91
C LYS A 200 -4.52 18.94 30.11
N ALA A 201 -4.39 19.44 28.90
CA ALA A 201 -3.31 19.00 28.02
C ALA A 201 -2.03 19.39 28.66
N LEU A 202 -2.02 20.54 29.32
CA LEU A 202 -0.81 20.99 29.96
C LEU A 202 -0.50 20.16 31.21
N GLU A 203 -1.48 19.76 31.99
CA GLU A 203 -1.10 18.84 33.05
C GLU A 203 -0.61 17.46 32.53
N LEU A 204 -1.19 16.96 31.43
CA LEU A 204 -0.64 15.77 30.80
C LEU A 204 0.78 15.99 30.33
N GLY A 205 1.07 17.16 29.76
CA GLY A 205 2.47 17.40 29.28
C GLY A 205 3.45 17.41 30.46
N ASN A 206 3.07 18.05 31.57
CA ASN A 206 3.92 17.98 32.79
C ASN A 206 4.14 16.55 33.29
N ARG A 207 3.12 15.69 33.12
CA ARG A 207 3.22 14.29 33.57
C ARG A 207 4.15 13.44 32.69
N VAL A 208 3.97 13.47 31.36
CA VAL A 208 4.85 12.74 30.43
C VAL A 208 6.28 13.28 30.58
N ALA A 209 6.37 14.53 31.00
CA ALA A 209 7.71 15.17 31.17
C ALA A 209 8.58 14.45 32.17
N GLN A 210 7.96 13.67 33.06
CA GLN A 210 8.67 12.97 34.11
C GLN A 210 9.24 11.65 33.56
N ASN A 211 8.77 11.20 32.40
CA ASN A 211 9.22 9.87 31.86
C ASN A 211 10.71 9.86 31.44
N ALA A 212 11.35 8.70 31.56
CA ALA A 212 12.70 8.47 30.99
C ALA A 212 12.62 8.52 29.46
N PRO A 213 13.67 9.00 28.80
CA PRO A 213 13.66 9.22 27.34
C PRO A 213 13.39 7.93 26.58
N LEU A 214 13.93 6.82 27.10
CA LEU A 214 13.75 5.52 26.46
C LEU A 214 12.31 5.01 26.63
N THR A 215 11.58 5.56 27.60
CA THR A 215 10.18 5.21 27.68
C THR A 215 9.46 5.92 26.54
N ASN A 216 9.69 7.23 26.36
CA ASN A 216 9.16 7.90 25.20
C ASN A 216 9.58 7.19 23.93
N PHE A 217 10.84 6.82 23.81
CA PHE A 217 11.20 6.14 22.58
C PHE A 217 10.33 4.85 22.32
N ALA A 218 10.25 3.98 23.31
CA ALA A 218 9.62 2.66 23.17
C ALA A 218 8.13 2.85 22.87
N VAL A 219 7.51 3.78 23.58
CA VAL A 219 6.10 3.98 23.44
C VAL A 219 5.78 4.70 22.16
N LEU A 220 6.48 5.78 21.85
CA LEU A 220 6.09 6.59 20.69
C LEU A 220 6.46 5.92 19.39
N GLN A 221 7.61 5.25 19.36
CA GLN A 221 8.11 4.73 18.09
C GLN A 221 7.97 3.25 17.98
N ALA A 222 8.42 2.53 19.03
CA ALA A 222 8.47 1.08 18.89
C ALA A 222 7.11 0.48 19.03
N LEU A 223 6.35 0.91 20.07
CA LEU A 223 5.06 0.31 20.26
C LEU A 223 4.17 0.23 18.96
N PRO A 224 3.89 1.36 18.25
CA PRO A 224 3.05 1.28 17.02
C PRO A 224 3.59 0.20 16.08
N MET A 225 4.92 0.14 15.90
CA MET A 225 5.48 -0.84 14.97
C MET A 225 5.28 -2.27 15.46
N ILE A 226 5.55 -2.48 16.72
CA ILE A 226 5.36 -3.82 17.29
C ILE A 226 3.89 -4.25 17.13
N ALA A 227 2.96 -3.34 17.41
CA ALA A 227 1.54 -3.70 17.44
C ALA A 227 1.02 -4.08 16.04
N GLU A 228 1.59 -3.53 14.98
CA GLU A 228 1.13 -3.81 13.61
C GLU A 228 1.97 -4.91 12.96
N ALA A 229 3.06 -5.32 13.61
CA ALA A 229 3.81 -6.41 13.12
C ALA A 229 2.98 -7.70 13.20
N ASN A 230 3.40 -8.67 12.42
CA ASN A 230 2.90 -10.00 12.64
C ASN A 230 3.28 -10.41 14.09
N PRO A 231 2.43 -11.20 14.76
CA PRO A 231 2.64 -11.42 16.20
C PRO A 231 4.01 -11.96 16.64
N GLN A 232 4.52 -12.99 16.03
CA GLN A 232 5.79 -13.57 16.41
C GLN A 232 6.86 -12.51 16.29
N THR A 233 6.78 -11.68 15.25
CA THR A 233 7.75 -10.63 15.11
C THR A 233 7.61 -9.51 16.16
N GLY A 234 6.38 -9.08 16.45
CA GLY A 234 6.17 -7.94 17.38
C GLY A 234 6.66 -8.47 18.73
N LEU A 235 6.51 -9.78 18.95
CA LEU A 235 6.82 -10.27 20.26
C LEU A 235 8.33 -10.25 20.49
N LEU A 236 9.10 -10.75 19.53
CA LEU A 236 10.54 -10.70 19.71
C LEU A 236 11.05 -9.23 19.85
N MET A 237 10.46 -8.34 19.08
CA MET A 237 10.80 -6.95 19.06
C MET A 237 10.49 -6.38 20.44
N GLU A 238 9.40 -6.82 21.02
CA GLU A 238 9.07 -6.36 22.39
C GLU A 238 10.17 -6.78 23.35
N SER A 239 10.56 -8.04 23.29
CA SER A 239 11.59 -8.52 24.25
C SER A 239 12.84 -7.69 24.08
N LEU A 240 13.16 -7.38 22.84
CA LEU A 240 14.32 -6.58 22.57
C LEU A 240 14.20 -5.13 23.08
N MET A 241 13.09 -4.43 22.78
CA MET A 241 12.84 -3.10 23.35
C MET A 241 12.85 -3.12 24.85
N ALA A 242 12.34 -4.24 25.43
CA ALA A 242 12.18 -4.31 26.88
C ALA A 242 13.51 -4.40 27.57
N THR A 243 14.41 -5.18 27.01
CA THR A 243 15.68 -5.44 27.65
C THR A 243 16.57 -4.21 27.58
N VAL A 244 16.46 -3.48 26.51
CA VAL A 244 17.27 -2.29 26.32
C VAL A 244 16.80 -1.28 27.31
N ALA A 245 15.48 -1.09 27.37
CA ALA A 245 14.91 -0.10 28.29
C ALA A 245 15.34 -0.42 29.72
N GLN A 246 15.19 -1.68 30.12
CA GLN A 246 15.39 -2.06 31.46
C GLN A 246 16.87 -2.05 31.77
N SER A 247 17.74 -2.13 30.78
CA SER A 247 19.10 -2.24 31.22
C SER A 247 19.77 -0.86 31.24
N ASP A 248 19.00 0.19 30.91
CA ASP A 248 19.48 1.57 30.87
C ASP A 248 19.64 2.27 32.24
N GLN A 249 20.67 3.12 32.37
CA GLN A 249 21.01 3.72 33.67
C GLN A 249 19.87 4.49 34.31
N GLU A 250 19.11 5.25 33.53
CA GLU A 250 17.91 5.95 34.04
C GLU A 250 16.87 4.98 34.65
N ALA A 251 16.63 3.84 33.98
CA ALA A 251 15.76 2.80 34.55
C ALA A 251 16.29 2.21 35.89
N LYS A 252 17.58 1.99 36.00
CA LYS A 252 18.16 1.40 37.20
C LYS A 252 18.14 2.34 38.36
N THR A 253 18.25 3.59 38.04
CA THR A 253 18.29 4.66 39.01
C THR A 253 16.92 4.74 39.66
N ARG A 254 15.89 4.71 38.83
CA ARG A 254 14.51 4.71 39.27
C ARG A 254 14.15 3.49 40.08
N ILE A 255 14.57 2.31 39.66
CA ILE A 255 14.38 1.08 40.45
C ILE A 255 15.14 1.08 41.79
N ARG A 256 16.32 1.70 41.83
CA ARG A 256 17.06 1.92 43.07
C ARG A 256 16.23 2.76 44.04
N ALA A 257 15.80 3.95 43.59
CA ALA A 257 14.97 4.85 44.37
C ALA A 257 13.61 4.28 44.79
N PHE A 258 12.99 3.45 43.94
CA PHE A 258 11.71 2.82 44.29
C PHE A 258 11.87 1.81 45.44
N LEU A 259 12.93 1.02 45.39
CA LEU A 259 13.22 0.01 46.43
C LEU A 259 13.90 0.55 47.71
N ASP A 260 14.43 1.78 47.63
CA ASP A 260 15.09 2.47 48.77
C ASP A 260 14.07 3.22 49.62
N HIS A 261 12.93 3.52 49.00
CA HIS A 261 11.85 4.24 49.67
C HIS A 261 10.90 3.31 50.43
N LYS A 262 10.73 2.09 49.91
CA LYS A 262 9.97 1.07 50.63
C LYS A 262 10.79 0.52 51.82
N THR A 263 12.12 0.48 51.71
CA THR A 263 13.05 0.07 52.81
C THR A 263 13.37 1.22 53.79
N ALA A 264 13.02 2.45 53.37
CA ALA A 264 12.93 3.61 54.27
C ALA A 264 11.64 3.52 55.12
N LYS A 265 10.53 3.08 54.49
CA LYS A 265 9.22 2.94 55.17
C LYS A 265 9.13 1.75 56.16
N VAL A 266 9.28 0.52 55.65
CA VAL A 266 9.27 -0.75 56.46
C VAL A 266 8.59 -0.70 57.85
N THR B 11 -15.31 0.32 -25.85
CA THR B 11 -14.41 -0.70 -26.50
C THR B 11 -15.14 -1.96 -26.95
N ILE B 12 -15.05 -2.28 -28.23
CA ILE B 12 -15.54 -3.59 -28.64
C ILE B 12 -14.35 -4.56 -28.87
N ALA B 13 -14.47 -5.74 -28.28
CA ALA B 13 -13.51 -6.79 -28.48
C ALA B 13 -13.35 -6.93 -30.01
N ASP B 14 -12.08 -6.99 -30.46
CA ASP B 14 -11.72 -7.22 -31.87
C ASP B 14 -11.10 -8.60 -32.01
N PRO B 15 -11.93 -9.61 -32.33
CA PRO B 15 -11.55 -11.04 -32.45
C PRO B 15 -10.50 -11.28 -33.53
N SER B 16 -10.42 -10.40 -34.53
CA SER B 16 -9.41 -10.54 -35.63
C SER B 16 -7.93 -10.47 -35.14
N THR B 17 -7.74 -10.01 -33.91
CA THR B 17 -6.43 -9.72 -33.50
C THR B 17 -5.87 -10.92 -32.74
N LEU B 18 -6.68 -11.98 -32.63
CA LEU B 18 -6.27 -13.29 -32.04
C LEU B 18 -6.53 -14.50 -32.93
N VAL B 19 -5.72 -15.53 -32.74
CA VAL B 19 -6.01 -16.85 -33.31
C VAL B 19 -6.25 -17.83 -32.21
N VAL B 20 -7.48 -18.30 -32.12
CA VAL B 20 -7.90 -19.15 -31.03
C VAL B 20 -8.14 -20.55 -31.60
N ASP B 21 -7.60 -21.54 -30.90
CA ASP B 21 -7.77 -22.90 -31.35
C ASP B 21 -7.82 -23.75 -30.12
N THR B 22 -8.26 -25.00 -30.32
CA THR B 22 -8.24 -25.98 -29.31
C THR B 22 -7.45 -27.18 -29.84
N VAL B 23 -6.42 -27.58 -29.11
CA VAL B 23 -5.64 -28.73 -29.55
C VAL B 23 -5.75 -29.73 -28.41
N GLY B 24 -6.63 -30.72 -28.59
CA GLY B 24 -7.04 -31.59 -27.51
C GLY B 24 -7.56 -30.75 -26.34
N PRO B 25 -6.98 -30.89 -25.14
CA PRO B 25 -7.50 -30.16 -23.96
C PRO B 25 -6.78 -28.80 -23.72
N VAL B 26 -5.92 -28.41 -24.65
CA VAL B 26 -5.23 -27.10 -24.55
C VAL B 26 -5.94 -26.04 -25.43
N LEU B 27 -6.38 -24.95 -24.80
CA LEU B 27 -6.85 -23.78 -25.51
C LEU B 27 -5.63 -22.97 -25.95
N THR B 28 -5.51 -22.66 -27.23
CA THR B 28 -4.35 -21.84 -27.59
C THR B 28 -4.84 -20.51 -28.11
N ILE B 29 -4.10 -19.48 -27.74
CA ILE B 29 -4.48 -18.11 -28.03
C ILE B 29 -3.24 -17.44 -28.57
N GLY B 30 -3.21 -17.27 -29.88
CA GLY B 30 -2.17 -16.51 -30.55
C GLY B 30 -2.46 -15.03 -30.78
N LEU B 31 -1.59 -14.20 -30.27
CA LEU B 31 -1.65 -12.77 -30.53
C LEU B 31 -1.37 -12.59 -32.00
N ASN B 32 -2.30 -11.92 -32.67
CA ASN B 32 -2.30 -11.90 -34.12
C ASN B 32 -2.32 -10.50 -34.70
N ARG B 33 -1.30 -9.72 -34.41
CA ARG B 33 -1.11 -8.40 -35.06
C ARG B 33 0.31 -8.29 -35.45
N PRO B 34 0.81 -9.25 -36.21
CA PRO B 34 2.26 -9.32 -36.41
C PRO B 34 2.83 -8.08 -37.10
N LYS B 35 2.02 -7.35 -37.86
CA LYS B 35 2.50 -6.13 -38.52
C LYS B 35 2.84 -5.03 -37.48
N LYS B 36 2.24 -5.11 -36.30
CA LYS B 36 2.54 -4.14 -35.26
C LYS B 36 3.26 -4.89 -34.14
N ARG B 37 3.90 -6.04 -34.49
CA ARG B 37 4.58 -6.88 -33.52
C ARG B 37 3.70 -7.25 -32.33
N ASN B 38 2.47 -7.63 -32.60
CA ASN B 38 1.50 -8.01 -31.59
C ASN B 38 1.35 -7.01 -30.45
N ALA B 39 1.43 -5.72 -30.83
CA ALA B 39 1.12 -4.65 -29.87
C ALA B 39 -0.27 -4.86 -29.26
N LEU B 40 -0.42 -4.62 -27.96
CA LEU B 40 -1.75 -4.73 -27.30
C LEU B 40 -2.59 -3.46 -27.47
N ASN B 41 -3.73 -3.51 -28.12
CA ASN B 41 -4.59 -2.33 -28.12
C ASN B 41 -5.86 -2.73 -27.37
N ASP B 42 -6.85 -1.84 -27.25
CA ASP B 42 -8.00 -2.21 -26.46
C ASP B 42 -8.72 -3.36 -27.08
N GLY B 43 -8.83 -3.34 -28.39
CA GLY B 43 -9.50 -4.46 -29.07
C GLY B 43 -8.92 -5.84 -28.75
N LEU B 44 -7.61 -5.99 -28.97
CA LEU B 44 -6.92 -7.21 -28.57
C LEU B 44 -7.27 -7.59 -27.11
N MET B 45 -7.08 -6.65 -26.16
CA MET B 45 -7.24 -6.98 -24.75
C MET B 45 -8.66 -7.36 -24.39
N ALA B 46 -9.66 -6.74 -25.02
CA ALA B 46 -11.07 -7.08 -24.73
C ALA B 46 -11.43 -8.46 -25.27
N ALA B 47 -10.90 -8.77 -26.46
CA ALA B 47 -11.09 -10.10 -27.07
C ALA B 47 -10.39 -11.18 -26.25
N LEU B 48 -9.18 -10.86 -25.73
CA LEU B 48 -8.43 -11.80 -24.90
C LEU B 48 -9.21 -12.06 -23.59
N LYS B 49 -9.69 -10.98 -22.98
CA LYS B 49 -10.55 -11.09 -21.80
C LYS B 49 -11.73 -12.03 -22.07
N ASP B 50 -12.36 -11.90 -23.25
CA ASP B 50 -13.41 -12.82 -23.68
C ASP B 50 -13.05 -14.28 -23.79
N CYS B 51 -11.92 -14.63 -24.47
CA CYS B 51 -11.51 -16.05 -24.54
C CYS B 51 -11.26 -16.65 -23.18
N LEU B 52 -10.84 -15.80 -22.22
CA LEU B 52 -10.58 -16.27 -20.87
C LEU B 52 -11.80 -16.23 -19.97
N THR B 53 -12.98 -15.91 -20.52
CA THR B 53 -14.18 -15.96 -19.74
C THR B 53 -15.00 -17.20 -20.11
N ASP B 54 -15.54 -17.87 -19.07
CA ASP B 54 -16.35 -19.07 -19.23
C ASP B 54 -15.58 -19.99 -20.14
N ILE B 55 -14.36 -20.35 -19.76
CA ILE B 55 -13.62 -21.28 -20.57
C ILE B 55 -14.34 -22.64 -20.55
N PRO B 56 -14.60 -23.23 -21.73
CA PRO B 56 -15.23 -24.59 -21.82
C PRO B 56 -14.54 -25.62 -20.92
N ASP B 57 -15.29 -26.59 -20.42
CA ASP B 57 -14.81 -27.51 -19.35
C ASP B 57 -13.77 -28.51 -19.81
N GLN B 58 -13.74 -28.80 -21.12
CA GLN B 58 -12.79 -29.74 -21.75
C GLN B 58 -11.40 -29.14 -21.87
N ILE B 59 -11.31 -27.85 -21.65
CA ILE B 59 -10.04 -27.15 -21.67
C ILE B 59 -9.41 -27.38 -20.33
N ARG B 60 -8.20 -27.90 -20.34
CA ARG B 60 -7.45 -28.06 -19.09
C ARG B 60 -6.11 -27.33 -19.07
N ALA B 61 -5.78 -26.59 -20.13
CA ALA B 61 -4.63 -25.67 -20.16
C ALA B 61 -4.78 -24.63 -21.22
N VAL B 62 -4.00 -23.55 -21.06
CA VAL B 62 -4.02 -22.46 -21.98
C VAL B 62 -2.59 -22.09 -22.42
N VAL B 63 -2.37 -21.98 -23.73
CA VAL B 63 -1.10 -21.51 -24.19
C VAL B 63 -1.32 -20.23 -24.91
N ILE B 64 -0.64 -19.17 -24.45
CA ILE B 64 -0.69 -17.93 -25.14
C ILE B 64 0.60 -17.83 -25.89
N HIS B 65 0.50 -17.48 -27.18
CA HIS B 65 1.67 -17.39 -28.07
C HIS B 65 1.56 -16.24 -29.04
N GLY B 66 2.62 -15.94 -29.78
CA GLY B 66 2.59 -14.85 -30.74
C GLY B 66 2.68 -15.39 -32.14
N ILE B 67 1.92 -14.79 -33.05
CA ILE B 67 2.05 -15.15 -34.47
C ILE B 67 3.14 -14.24 -34.96
N GLY B 68 4.07 -14.79 -35.74
CA GLY B 68 5.21 -13.98 -36.20
C GLY B 68 6.44 -14.15 -35.35
N ASP B 69 7.43 -13.26 -35.50
CA ASP B 69 8.70 -13.39 -34.80
C ASP B 69 8.65 -13.02 -33.29
N HIS B 70 7.55 -12.41 -32.86
CA HIS B 70 7.54 -11.63 -31.58
C HIS B 70 6.36 -12.03 -30.72
N PHE B 71 6.56 -12.08 -29.39
CA PHE B 71 5.42 -12.31 -28.52
C PHE B 71 4.57 -11.07 -28.48
N SER B 72 5.13 -9.99 -27.97
CA SER B 72 4.43 -8.71 -27.93
C SER B 72 5.34 -7.54 -27.58
N ALA B 73 5.26 -6.51 -28.40
CA ALA B 73 6.01 -5.32 -28.20
C ALA B 73 5.29 -4.38 -27.23
N GLY B 74 4.19 -4.81 -26.63
CA GLY B 74 3.44 -3.96 -25.73
C GLY B 74 2.51 -2.92 -26.34
N LEU B 75 2.47 -1.73 -25.75
CA LEU B 75 1.43 -0.76 -26.09
C LEU B 75 1.46 -0.29 -27.56
N ASP B 76 0.27 -0.30 -28.16
CA ASP B 76 0.06 0.08 -29.55
C ASP B 76 0.36 1.58 -29.64
N LEU B 77 1.44 1.91 -30.34
CA LEU B 77 1.90 3.29 -30.35
C LEU B 77 1.13 4.16 -31.37
N SER B 78 0.66 3.53 -32.43
CA SER B 78 -0.32 4.18 -33.25
C SER B 78 -1.48 4.64 -32.36
N GLU B 79 -2.22 3.69 -31.78
CA GLU B 79 -3.46 3.98 -31.05
C GLU B 79 -3.25 4.78 -29.78
N LEU B 80 -2.00 5.13 -29.53
CA LEU B 80 -1.60 6.06 -28.49
C LEU B 80 -2.71 7.10 -28.26
N ARG B 81 -3.36 7.03 -27.11
CA ARG B 81 -4.44 7.97 -26.78
C ARG B 81 -4.02 9.12 -25.83
N GLU B 82 -4.96 10.04 -25.63
CA GLU B 82 -4.75 11.22 -24.80
C GLU B 82 -5.60 11.08 -23.54
N ARG B 83 -4.95 11.04 -22.37
CA ARG B 83 -5.72 10.76 -21.16
C ARG B 83 -5.43 11.67 -19.98
N ASP B 84 -6.49 12.14 -19.34
CA ASP B 84 -6.34 12.83 -18.07
C ASP B 84 -6.17 11.78 -16.95
N ALA B 85 -5.80 12.26 -15.76
CA ALA B 85 -5.55 11.45 -14.56
C ALA B 85 -6.66 10.41 -14.29
N THR B 86 -7.91 10.87 -14.39
CA THR B 86 -9.04 9.97 -14.15
C THR B 86 -9.15 8.89 -15.23
N GLU B 87 -9.05 9.31 -16.49
CA GLU B 87 -9.17 8.38 -17.60
C GLU B 87 -8.05 7.34 -17.53
N GLY B 88 -6.87 7.76 -17.12
CA GLY B 88 -5.73 6.83 -17.11
C GLY B 88 -5.87 5.81 -16.00
N LEU B 89 -6.53 6.17 -14.90
CA LEU B 89 -6.77 5.28 -13.77
C LEU B 89 -7.73 4.18 -14.25
N VAL B 90 -8.82 4.59 -14.88
CA VAL B 90 -9.82 3.67 -15.44
C VAL B 90 -9.20 2.80 -16.48
N HIS B 91 -8.42 3.38 -17.39
CA HIS B 91 -7.80 2.57 -18.42
C HIS B 91 -6.86 1.51 -17.84
N SER B 92 -5.95 1.89 -16.94
CA SER B 92 -5.07 0.90 -16.31
C SER B 92 -5.91 -0.18 -15.60
N GLN B 93 -6.98 0.25 -14.89
CA GLN B 93 -7.83 -0.71 -14.17
C GLN B 93 -8.44 -1.73 -15.14
N THR B 94 -8.79 -1.27 -16.35
CA THR B 94 -9.34 -2.22 -17.33
C THR B 94 -8.30 -3.21 -17.75
N TRP B 95 -7.05 -2.77 -17.94
CA TRP B 95 -6.00 -3.75 -18.22
C TRP B 95 -5.86 -4.81 -17.10
N HIS B 96 -5.79 -4.35 -15.83
CA HIS B 96 -5.82 -5.22 -14.67
C HIS B 96 -6.93 -6.24 -14.73
N ARG B 97 -8.14 -5.89 -15.17
CA ARG B 97 -9.22 -6.85 -15.16
C ARG B 97 -9.04 -7.93 -16.20
N VAL B 98 -8.44 -7.59 -17.32
CA VAL B 98 -8.06 -8.60 -18.28
C VAL B 98 -6.99 -9.51 -17.69
N PHE B 99 -5.95 -8.95 -17.08
CA PHE B 99 -4.85 -9.82 -16.55
C PHE B 99 -5.25 -10.72 -15.41
N ASP B 100 -6.27 -10.27 -14.68
CA ASP B 100 -6.95 -11.09 -13.67
C ASP B 100 -7.50 -12.39 -14.23
N LYS B 101 -7.99 -12.36 -15.46
CA LYS B 101 -8.47 -13.59 -16.09
C LYS B 101 -7.34 -14.58 -16.37
N ILE B 102 -6.11 -14.07 -16.44
CA ILE B 102 -4.97 -14.95 -16.66
C ILE B 102 -4.47 -15.48 -15.31
N GLN B 103 -4.06 -14.56 -14.44
CA GLN B 103 -3.52 -14.93 -13.16
C GLN B 103 -4.48 -15.86 -12.40
N TYR B 104 -5.77 -15.58 -12.44
CA TYR B 104 -6.73 -16.33 -11.71
C TYR B 104 -7.55 -17.27 -12.60
N CYS B 105 -7.07 -17.58 -13.80
CA CYS B 105 -7.63 -18.63 -14.70
C CYS B 105 -7.89 -19.93 -13.92
N ARG B 106 -8.95 -20.64 -14.28
CA ARG B 106 -9.25 -21.90 -13.58
C ARG B 106 -8.20 -22.98 -13.88
N VAL B 107 -7.43 -22.76 -14.94
CA VAL B 107 -6.51 -23.76 -15.49
C VAL B 107 -5.17 -23.01 -15.66
N PRO B 108 -4.00 -23.70 -15.69
CA PRO B 108 -2.70 -23.06 -15.88
C PRO B 108 -2.55 -22.43 -17.23
N VAL B 109 -1.91 -21.27 -17.27
CA VAL B 109 -1.75 -20.49 -18.49
C VAL B 109 -0.25 -20.46 -18.67
N ILE B 110 0.16 -20.81 -19.88
CA ILE B 110 1.56 -20.96 -20.18
C ILE B 110 1.81 -20.03 -21.35
N ALA B 111 2.81 -19.17 -21.24
CA ALA B 111 3.08 -18.28 -22.30
C ALA B 111 4.32 -18.75 -23.01
N ALA B 112 4.23 -18.85 -24.35
CA ALA B 112 5.39 -19.19 -25.19
C ALA B 112 6.00 -17.86 -25.67
N LEU B 113 7.24 -17.54 -25.26
CA LEU B 113 7.81 -16.20 -25.48
C LEU B 113 8.92 -16.32 -26.52
N LYS B 114 8.98 -15.36 -27.47
CA LYS B 114 10.04 -15.33 -28.43
C LYS B 114 10.15 -13.88 -28.91
N GLY B 115 11.27 -13.52 -29.56
CA GLY B 115 11.43 -12.11 -30.01
C GLY B 115 11.03 -11.13 -28.89
N ALA B 116 10.44 -10.00 -29.27
CA ALA B 116 10.01 -8.97 -28.28
C ALA B 116 9.04 -9.43 -27.18
N VAL B 117 9.41 -9.18 -25.93
CA VAL B 117 8.56 -9.30 -24.72
C VAL B 117 8.81 -8.05 -23.90
N ILE B 118 8.05 -7.01 -24.18
CA ILE B 118 8.49 -5.64 -23.96
C ILE B 118 7.29 -4.94 -23.37
N GLY B 119 7.49 -4.13 -22.33
CA GLY B 119 6.37 -3.29 -21.80
C GLY B 119 5.16 -4.09 -21.41
N GLY B 120 4.02 -3.75 -21.97
CA GLY B 120 2.83 -4.49 -21.63
C GLY B 120 2.88 -5.93 -22.11
N GLY B 121 3.75 -6.21 -23.09
CA GLY B 121 4.00 -7.56 -23.54
C GLY B 121 4.59 -8.32 -22.39
N LEU B 122 5.58 -7.72 -21.72
CA LEU B 122 6.21 -8.40 -20.59
C LEU B 122 5.17 -8.48 -19.47
N GLU B 123 4.34 -7.45 -19.31
CA GLU B 123 3.34 -7.52 -18.23
C GLU B 123 2.40 -8.68 -18.49
N LEU B 124 2.12 -8.91 -19.76
CA LEU B 124 1.21 -9.97 -20.12
C LEU B 124 1.87 -11.32 -19.84
N ALA B 125 3.12 -11.48 -20.26
CA ALA B 125 3.84 -12.71 -19.92
C ALA B 125 3.90 -12.93 -18.40
N CYS B 126 4.09 -11.87 -17.65
CA CYS B 126 4.04 -11.97 -16.19
C CYS B 126 2.78 -12.51 -15.61
N ALA B 127 1.64 -12.23 -16.24
CA ALA B 127 0.40 -12.65 -15.63
C ALA B 127 0.24 -14.17 -15.79
N ALA B 128 0.89 -14.79 -16.80
CA ALA B 128 0.78 -16.25 -16.97
C ALA B 128 1.52 -17.02 -15.85
N HIS B 129 1.18 -18.31 -15.68
CA HIS B 129 1.74 -19.16 -14.60
C HIS B 129 3.11 -19.68 -14.93
N ILE B 130 3.28 -20.15 -16.15
CA ILE B 130 4.58 -20.69 -16.59
C ILE B 130 4.97 -19.93 -17.88
N ARG B 131 6.23 -19.51 -18.03
CA ARG B 131 6.75 -18.91 -19.28
C ARG B 131 7.82 -19.83 -19.86
N VAL B 132 7.74 -20.05 -21.17
CA VAL B 132 8.72 -20.84 -21.87
C VAL B 132 9.37 -19.87 -22.87
N ALA B 133 10.67 -19.69 -22.74
CA ALA B 133 11.32 -18.77 -23.64
C ALA B 133 12.24 -19.47 -24.62
N GLU B 134 12.07 -19.08 -25.87
CA GLU B 134 12.92 -19.47 -26.96
C GLU B 134 14.12 -18.51 -26.91
N ALA B 135 15.22 -18.88 -27.53
CA ALA B 135 16.48 -18.06 -27.55
C ALA B 135 16.30 -16.61 -27.99
N SER B 136 15.46 -16.38 -29.01
CA SER B 136 15.28 -15.04 -29.51
C SER B 136 14.53 -14.08 -28.54
N ALA B 137 13.96 -14.57 -27.45
CA ALA B 137 13.12 -13.65 -26.65
C ALA B 137 14.01 -12.63 -25.97
N TYR B 138 13.45 -11.44 -25.75
CA TYR B 138 14.12 -10.42 -24.95
C TYR B 138 13.13 -9.59 -24.16
N TYR B 139 13.61 -8.99 -23.09
CA TYR B 139 12.77 -8.35 -22.12
C TYR B 139 13.20 -6.95 -21.84
N ALA B 140 12.25 -6.03 -21.84
CA ALA B 140 12.56 -4.64 -21.64
C ALA B 140 11.34 -3.94 -21.14
N LEU B 141 11.57 -2.80 -20.46
CA LEU B 141 10.52 -1.95 -19.97
C LEU B 141 10.86 -0.54 -20.44
N PRO B 142 10.59 -0.28 -21.71
CA PRO B 142 11.14 0.88 -22.34
C PRO B 142 10.32 2.10 -22.12
N GLU B 143 9.24 1.99 -21.36
CA GLU B 143 8.36 3.14 -21.20
C GLU B 143 9.01 4.26 -20.40
N GLY B 144 9.75 3.90 -19.35
CA GLY B 144 10.57 4.84 -18.61
C GLY B 144 11.20 5.94 -19.44
N SER B 145 11.77 5.61 -20.59
CA SER B 145 12.41 6.63 -21.41
C SER B 145 11.39 7.69 -21.84
N ARG B 146 10.11 7.32 -21.91
CA ARG B 146 9.11 8.33 -22.18
C ARG B 146 8.31 8.88 -20.97
N GLY B 147 8.91 8.82 -19.77
CA GLY B 147 8.26 9.30 -18.56
C GLY B 147 7.02 8.55 -18.06
N ILE B 148 6.82 7.32 -18.52
CA ILE B 148 5.56 6.53 -18.29
C ILE B 148 5.89 5.34 -17.34
N PHE B 149 5.18 5.22 -16.21
CA PHE B 149 5.37 4.12 -15.27
C PHE B 149 4.67 2.91 -15.87
N VAL B 150 4.67 1.73 -15.28
CA VAL B 150 3.88 0.60 -15.81
C VAL B 150 2.43 0.66 -15.34
N GLY B 151 1.48 0.27 -16.15
CA GLY B 151 0.06 0.27 -15.74
C GLY B 151 -0.62 -1.05 -15.88
N GLY B 152 0.18 -2.08 -16.17
CA GLY B 152 -0.39 -3.39 -16.48
C GLY B 152 -0.09 -4.51 -15.49
N GLY B 153 0.11 -4.14 -14.22
CA GLY B 153 0.46 -5.13 -13.22
C GLY B 153 1.93 -5.38 -13.06
N GLY B 154 2.77 -4.82 -13.89
CA GLY B 154 4.18 -5.21 -13.84
C GLY B 154 4.82 -4.91 -12.50
N SER B 155 4.36 -3.84 -11.87
CA SER B 155 5.04 -3.44 -10.61
C SER B 155 4.73 -4.39 -9.47
N VAL B 156 3.68 -5.18 -9.63
CA VAL B 156 3.31 -6.15 -8.61
C VAL B 156 3.84 -7.55 -9.04
N ARG B 157 3.68 -7.89 -10.32
CA ARG B 157 3.99 -9.26 -10.78
C ARG B 157 5.47 -9.49 -11.03
N LEU B 158 6.15 -8.56 -11.69
CA LEU B 158 7.55 -8.82 -12.10
C LEU B 158 8.57 -8.82 -10.93
N PRO B 159 8.39 -7.98 -9.91
CA PRO B 159 9.30 -8.13 -8.75
C PRO B 159 9.18 -9.48 -8.07
N ARG B 160 7.98 -10.06 -8.09
CA ARG B 160 7.83 -11.46 -7.57
C ARG B 160 8.65 -12.49 -8.38
N LEU B 161 8.93 -12.22 -9.65
CA LEU B 161 9.76 -13.14 -10.45
C LEU B 161 11.21 -12.77 -10.40
N ILE B 162 11.51 -11.46 -10.36
CA ILE B 162 12.91 -11.04 -10.62
C ILE B 162 13.50 -10.13 -9.53
N GLY B 163 12.68 -9.71 -8.56
CA GLY B 163 13.16 -8.79 -7.51
C GLY B 163 13.04 -7.33 -7.98
N VAL B 164 12.79 -6.43 -7.02
CA VAL B 164 12.70 -4.99 -7.26
C VAL B 164 13.97 -4.42 -7.92
N ALA B 165 15.12 -4.83 -7.41
CA ALA B 165 16.34 -4.12 -7.82
C ALA B 165 16.59 -4.32 -9.35
N ARG B 166 16.41 -5.55 -9.87
CA ARG B 166 16.59 -5.74 -11.34
C ARG B 166 15.51 -4.98 -12.15
N MET B 167 14.27 -4.94 -11.61
CA MET B 167 13.23 -4.15 -12.30
C MET B 167 13.54 -2.68 -12.28
N ALA B 168 13.81 -2.16 -11.11
CA ALA B 168 14.18 -0.75 -11.01
C ALA B 168 15.29 -0.38 -12.01
N ASP B 169 16.35 -1.18 -12.13
CA ASP B 169 17.40 -0.91 -13.12
C ASP B 169 16.84 -0.89 -14.56
N MET B 170 16.02 -1.88 -14.94
CA MET B 170 15.41 -1.96 -16.26
C MET B 170 14.68 -0.65 -16.53
N MET B 171 13.93 -0.19 -15.54
CA MET B 171 13.08 0.96 -15.77
C MET B 171 13.91 2.21 -15.84
N LEU B 172 14.92 2.30 -15.01
CA LEU B 172 15.74 3.50 -15.04
C LEU B 172 16.67 3.63 -16.24
N THR B 173 17.15 2.50 -16.78
CA THR B 173 18.24 2.59 -17.80
C THR B 173 17.86 1.98 -19.16
N GLY B 174 16.67 1.36 -19.23
CA GLY B 174 16.22 0.75 -20.49
C GLY B 174 16.91 -0.59 -20.72
N ARG B 175 17.57 -1.09 -19.68
CA ARG B 175 18.28 -2.33 -19.79
C ARG B 175 17.42 -3.43 -20.37
N VAL B 176 18.02 -4.16 -21.31
CA VAL B 176 17.39 -5.28 -21.98
C VAL B 176 18.04 -6.60 -21.51
N TYR B 177 17.24 -7.61 -21.25
CA TYR B 177 17.73 -8.96 -21.01
C TYR B 177 17.39 -9.95 -22.16
N SER B 178 18.35 -10.84 -22.50
CA SER B 178 18.09 -11.95 -23.42
C SER B 178 17.37 -13.10 -22.70
N ALA B 179 16.82 -14.01 -23.49
CA ALA B 179 16.19 -15.20 -22.95
C ALA B 179 17.17 -15.95 -22.04
N ALA B 180 18.42 -16.09 -22.49
CA ALA B 180 19.44 -16.85 -21.77
C ALA B 180 19.76 -16.18 -20.41
N GLU B 181 19.87 -14.85 -20.41
CA GLU B 181 20.08 -14.17 -19.11
C GLU B 181 18.81 -14.35 -18.32
N GLY B 182 17.70 -14.22 -19.01
CA GLY B 182 16.40 -14.18 -18.36
C GLY B 182 16.00 -15.39 -17.54
N VAL B 183 16.41 -16.57 -18.00
CA VAL B 183 16.06 -17.78 -17.27
C VAL B 183 16.78 -17.81 -15.91
N VAL B 184 18.02 -17.35 -15.85
CA VAL B 184 18.69 -17.32 -14.55
C VAL B 184 18.05 -16.28 -13.59
N HIS B 185 17.66 -15.12 -14.12
CA HIS B 185 17.14 -14.04 -13.28
C HIS B 185 15.66 -14.16 -12.82
N GLY B 186 14.90 -15.01 -13.50
CA GLY B 186 13.55 -15.33 -13.06
C GLY B 186 12.50 -14.95 -14.09
N PHE B 187 12.87 -14.42 -15.26
CA PHE B 187 11.85 -14.15 -16.27
C PHE B 187 11.07 -15.40 -16.75
N SER B 188 11.72 -16.53 -16.82
CA SER B 188 11.02 -17.71 -17.25
C SER B 188 11.52 -18.90 -16.53
N GLN B 189 10.67 -19.90 -16.41
CA GLN B 189 11.07 -21.15 -15.87
C GLN B 189 11.82 -21.98 -16.89
N TYR B 190 11.50 -21.79 -18.15
CA TYR B 190 12.12 -22.59 -19.18
C TYR B 190 12.82 -21.76 -20.24
N LEU B 191 13.88 -22.31 -20.79
CA LEU B 191 14.60 -21.78 -21.93
C LEU B 191 14.68 -22.91 -22.91
N ILE B 192 14.33 -22.66 -24.17
CA ILE B 192 14.57 -23.59 -25.24
C ILE B 192 15.67 -22.96 -26.08
N GLU B 193 16.88 -23.51 -26.00
CA GLU B 193 18.02 -22.87 -26.70
C GLU B 193 17.97 -23.14 -28.19
N ASN B 194 17.50 -24.34 -28.54
CA ASN B 194 17.26 -24.67 -29.93
C ASN B 194 15.96 -25.35 -30.03
N GLY B 195 15.06 -24.70 -30.77
CA GLY B 195 13.70 -25.19 -30.98
C GLY B 195 12.67 -24.17 -30.57
N SER B 196 11.44 -24.63 -30.46
CA SER B 196 10.31 -23.77 -30.47
C SER B 196 9.64 -23.71 -29.10
N ALA B 197 9.55 -22.49 -28.54
CA ALA B 197 8.73 -22.24 -27.35
C ALA B 197 7.26 -22.76 -27.41
N TYR B 198 6.60 -22.55 -28.55
CA TYR B 198 5.23 -23.02 -28.72
C TYR B 198 5.06 -24.54 -28.49
N ASP B 199 5.91 -25.33 -29.14
CA ASP B 199 5.90 -26.77 -29.01
C ASP B 199 6.08 -27.26 -27.53
N LYS B 200 7.07 -26.67 -26.89
CA LYS B 200 7.33 -26.95 -25.50
C LYS B 200 6.16 -26.50 -24.64
N ALA B 201 5.60 -25.30 -24.86
CA ALA B 201 4.41 -24.89 -24.10
C ALA B 201 3.26 -25.91 -24.30
N LEU B 202 3.11 -26.39 -25.54
CA LEU B 202 2.07 -27.34 -25.82
C LEU B 202 2.34 -28.64 -25.05
N GLU B 203 3.60 -29.09 -24.99
CA GLU B 203 3.89 -30.31 -24.19
C GLU B 203 3.53 -30.11 -22.74
N LEU B 204 3.93 -28.96 -22.21
CA LEU B 204 3.61 -28.57 -20.88
C LEU B 204 2.08 -28.50 -20.65
N GLY B 205 1.36 -28.00 -21.67
CA GLY B 205 -0.07 -27.88 -21.60
C GLY B 205 -0.66 -29.26 -21.45
N ASN B 206 -0.15 -30.20 -22.24
CA ASN B 206 -0.61 -31.57 -22.20
C ASN B 206 -0.26 -32.22 -20.89
N ARG B 207 0.86 -31.85 -20.31
CA ARG B 207 1.24 -32.43 -19.03
C ARG B 207 0.35 -31.90 -17.88
N VAL B 208 0.20 -30.58 -17.80
CA VAL B 208 -0.59 -30.01 -16.69
C VAL B 208 -2.04 -30.43 -16.87
N ALA B 209 -2.42 -30.87 -18.09
CA ALA B 209 -3.80 -31.24 -18.32
C ALA B 209 -4.18 -32.52 -17.59
N GLN B 210 -3.17 -33.26 -17.12
CA GLN B 210 -3.41 -34.55 -16.46
C GLN B 210 -3.72 -34.30 -14.98
N ASN B 211 -3.57 -33.05 -14.51
CA ASN B 211 -3.63 -32.82 -13.09
C ASN B 211 -5.07 -32.91 -12.53
N ALA B 212 -5.20 -33.24 -11.26
CA ALA B 212 -6.47 -33.16 -10.61
C ALA B 212 -6.79 -31.67 -10.50
N PRO B 213 -8.08 -31.31 -10.63
CA PRO B 213 -8.52 -29.89 -10.59
C PRO B 213 -8.18 -29.20 -9.30
N LEU B 214 -8.19 -29.96 -8.21
CA LEU B 214 -7.83 -29.38 -6.94
C LEU B 214 -6.35 -29.08 -6.83
N THR B 215 -5.52 -29.86 -7.52
CA THR B 215 -4.12 -29.53 -7.72
C THR B 215 -4.01 -28.13 -8.26
N ASN B 216 -4.72 -27.86 -9.35
CA ASN B 216 -4.69 -26.56 -9.99
C ASN B 216 -5.09 -25.49 -9.02
N PHE B 217 -6.23 -25.68 -8.36
CA PHE B 217 -6.69 -24.71 -7.43
C PHE B 217 -5.56 -24.38 -6.40
N ALA B 218 -5.03 -25.42 -5.80
CA ALA B 218 -4.10 -25.26 -4.71
C ALA B 218 -2.83 -24.60 -5.21
N VAL B 219 -2.38 -24.93 -6.41
CA VAL B 219 -1.13 -24.36 -6.82
C VAL B 219 -1.28 -22.96 -7.41
N LEU B 220 -2.41 -22.71 -8.09
CA LEU B 220 -2.65 -21.47 -8.77
C LEU B 220 -3.19 -20.49 -7.85
N GLN B 221 -4.09 -20.90 -6.97
CA GLN B 221 -4.66 -19.90 -6.03
C GLN B 221 -4.06 -19.86 -4.65
N ALA B 222 -4.01 -21.02 -4.00
CA ALA B 222 -3.61 -21.00 -2.64
C ALA B 222 -2.11 -20.78 -2.46
N LEU B 223 -1.26 -21.51 -3.21
CA LEU B 223 0.23 -21.34 -3.08
C LEU B 223 0.74 -19.87 -3.05
N PRO B 224 0.33 -19.01 -4.01
CA PRO B 224 0.93 -17.65 -3.93
C PRO B 224 0.49 -16.91 -2.65
N MET B 225 -0.67 -17.23 -2.13
CA MET B 225 -1.19 -16.57 -0.91
C MET B 225 -0.55 -17.15 0.36
N ILE B 226 -0.44 -18.48 0.41
CA ILE B 226 0.32 -19.09 1.47
C ILE B 226 1.78 -18.53 1.54
N ALA B 227 2.44 -18.42 0.40
CA ALA B 227 3.86 -18.07 0.43
C ALA B 227 4.00 -16.68 0.92
N GLU B 228 2.96 -15.85 0.70
CA GLU B 228 3.10 -14.41 1.01
C GLU B 228 2.61 -14.06 2.39
N ALA B 229 1.99 -15.03 3.09
CA ALA B 229 1.45 -14.84 4.41
C ALA B 229 2.49 -14.85 5.52
N ASN B 230 2.13 -14.36 6.70
CA ASN B 230 2.96 -14.54 7.90
C ASN B 230 3.25 -16.05 8.00
N PRO B 231 4.51 -16.42 8.31
CA PRO B 231 4.69 -17.88 8.17
C PRO B 231 3.74 -18.71 8.98
N GLN B 232 3.39 -18.31 10.21
CA GLN B 232 2.51 -19.15 10.99
C GLN B 232 1.16 -19.28 10.31
N THR B 233 0.71 -18.19 9.72
CA THR B 233 -0.50 -18.20 8.94
C THR B 233 -0.42 -19.11 7.70
N GLY B 234 0.67 -18.99 6.95
CA GLY B 234 0.81 -19.79 5.74
C GLY B 234 0.87 -21.27 6.13
N LEU B 235 1.55 -21.59 7.24
CA LEU B 235 1.68 -22.99 7.60
C LEU B 235 0.25 -23.60 7.90
N LEU B 236 -0.62 -22.87 8.65
CA LEU B 236 -1.91 -23.43 8.99
C LEU B 236 -2.69 -23.50 7.68
N MET B 237 -2.61 -22.44 6.85
CA MET B 237 -3.34 -22.46 5.59
C MET B 237 -2.84 -23.68 4.79
N GLU B 238 -1.58 -24.00 4.89
CA GLU B 238 -1.09 -25.16 4.15
C GLU B 238 -1.71 -26.43 4.63
N SER B 239 -1.82 -26.62 5.95
CA SER B 239 -2.35 -27.91 6.43
C SER B 239 -3.79 -28.08 6.00
N LEU B 240 -4.48 -26.95 5.93
CA LEU B 240 -5.85 -26.94 5.49
C LEU B 240 -6.00 -27.25 4.00
N MET B 241 -5.24 -26.58 3.13
CA MET B 241 -5.28 -26.90 1.70
C MET B 241 -4.90 -28.34 1.46
N ALA B 242 -3.88 -28.85 2.18
CA ALA B 242 -3.35 -30.17 1.94
C ALA B 242 -4.41 -31.20 2.34
N THR B 243 -5.08 -30.99 3.49
CA THR B 243 -5.99 -31.98 3.96
C THR B 243 -7.18 -32.12 3.08
N VAL B 244 -7.64 -30.96 2.59
CA VAL B 244 -8.70 -30.92 1.59
C VAL B 244 -8.32 -31.60 0.29
N ALA B 245 -7.19 -31.19 -0.32
CA ALA B 245 -6.64 -31.92 -1.50
C ALA B 245 -6.56 -33.45 -1.34
N GLN B 246 -5.89 -33.88 -0.29
CA GLN B 246 -5.64 -35.29 0.03
C GLN B 246 -6.97 -36.01 0.21
N SER B 247 -7.99 -35.33 0.68
CA SER B 247 -9.18 -36.09 1.11
C SER B 247 -10.13 -36.11 -0.09
N ASP B 248 -9.79 -35.41 -1.16
CA ASP B 248 -10.63 -35.42 -2.33
C ASP B 248 -10.68 -36.80 -2.99
N GLN B 249 -11.81 -37.13 -3.61
CA GLN B 249 -12.02 -38.40 -4.34
C GLN B 249 -11.00 -38.72 -5.42
N GLU B 250 -10.71 -37.73 -6.29
CA GLU B 250 -9.66 -37.82 -7.31
C GLU B 250 -8.31 -38.22 -6.71
N ALA B 251 -7.98 -37.67 -5.54
CA ALA B 251 -6.71 -37.99 -4.89
C ALA B 251 -6.75 -39.41 -4.34
N LYS B 252 -7.88 -39.83 -3.85
CA LYS B 252 -7.97 -41.19 -3.41
C LYS B 252 -7.91 -42.14 -4.60
N THR B 253 -8.44 -41.74 -5.75
CA THR B 253 -8.49 -42.63 -6.91
C THR B 253 -7.07 -42.77 -7.47
N ARG B 254 -6.34 -41.66 -7.51
CA ARG B 254 -4.94 -41.62 -7.92
C ARG B 254 -3.98 -42.35 -6.98
N ILE B 255 -4.26 -42.28 -5.68
CA ILE B 255 -3.52 -43.01 -4.63
C ILE B 255 -3.72 -44.53 -4.78
N ARG B 256 -4.97 -44.94 -5.04
CA ARG B 256 -5.33 -46.35 -5.10
C ARG B 256 -4.81 -47.04 -6.37
N ALA B 257 -5.07 -46.44 -7.54
CA ALA B 257 -4.53 -46.90 -8.84
C ALA B 257 -3.01 -47.21 -8.85
N PHE B 258 -2.20 -46.20 -8.52
CA PHE B 258 -0.75 -46.33 -8.23
C PHE B 258 -0.42 -47.46 -7.20
N LEU B 259 -1.05 -47.43 -6.02
CA LEU B 259 -0.86 -48.46 -4.97
C LEU B 259 -1.30 -49.90 -5.37
N ASP B 260 -2.36 -50.00 -6.17
CA ASP B 260 -2.87 -51.29 -6.69
C ASP B 260 -1.91 -51.97 -7.68
N HIS B 261 -1.15 -51.14 -8.41
CA HIS B 261 -0.02 -51.56 -9.27
C HIS B 261 -0.28 -51.15 -10.72
#